data_4OA3
#
_entry.id   4OA3
#
_cell.length_a   31.920
_cell.length_b   39.620
_cell.length_c   106.970
_cell.angle_alpha   90.00
_cell.angle_beta   90.00
_cell.angle_gamma   90.00
#
_symmetry.space_group_name_H-M   'P 21 21 21'
#
loop_
_entity.id
_entity.type
_entity.pdbx_description
1 polymer 'PROTEIN BA42'
2 non-polymer 'CALCIUM ION'
3 water water
#
_entity_poly.entity_id   1
_entity_poly.type   'polypeptide(L)'
_entity_poly.pdbx_seq_one_letter_code
;GMSKIEEFLTAEEEKAIVDAIRDAEKNTSGEIRVHLEKTSEIDVFDRAMDVFHNLKMDNTKLQNGVLIYVAVEDKTFVIY
GDKGINDVVSDDFWDTTRNAIQLQFKQGNFKQGLVDGIEKAGMALAKYFPWKKDDIDELPNTISKG
;
_entity_poly.pdbx_strand_id   A
#
loop_
_chem_comp.id
_chem_comp.type
_chem_comp.name
_chem_comp.formula
CA non-polymer 'CALCIUM ION' 'Ca 2'
#
# COMPACT_ATOMS: atom_id res chain seq x y z
N GLU A 6 7.75 13.57 -9.12
CA GLU A 6 8.60 14.12 -8.06
C GLU A 6 7.84 15.22 -7.27
N GLU A 7 6.93 15.96 -7.96
CA GLU A 7 6.11 17.00 -7.34
C GLU A 7 4.73 16.47 -6.93
N PHE A 8 4.43 15.14 -7.18
CA PHE A 8 3.15 14.51 -6.78
C PHE A 8 2.83 14.90 -5.32
N LEU A 9 3.86 14.82 -4.45
CA LEU A 9 3.74 15.08 -3.03
C LEU A 9 4.78 16.06 -2.58
N THR A 10 4.41 16.92 -1.63
CA THR A 10 5.42 17.78 -1.00
C THR A 10 6.18 16.92 0.02
N ALA A 11 7.31 17.44 0.53
CA ALA A 11 8.07 16.72 1.55
C ALA A 11 7.21 16.50 2.78
N GLU A 12 6.42 17.51 3.18
CA GLU A 12 5.54 17.40 4.33
C GLU A 12 4.48 16.29 4.11
N GLU A 13 3.92 16.18 2.92
CA GLU A 13 2.93 15.16 2.59
C GLU A 13 3.59 13.78 2.62
N GLU A 14 4.77 13.69 2.01
CA GLU A 14 5.50 12.42 2.02
C GLU A 14 5.80 11.96 3.43
N LYS A 15 6.21 12.89 4.30
CA LYS A 15 6.47 12.59 5.68
C LYS A 15 5.22 12.03 6.37
N ALA A 16 4.05 12.59 6.08
CA ALA A 16 2.80 12.14 6.66
C ALA A 16 2.47 10.70 6.23
N ILE A 17 2.79 10.39 4.98
CA ILE A 17 2.55 9.05 4.45
C ILE A 17 3.45 8.03 5.08
N VAL A 18 4.74 8.33 5.16
N VAL A 18 4.77 8.29 5.15
CA VAL A 18 5.69 7.41 5.78
CA VAL A 18 5.64 7.30 5.78
C VAL A 18 5.35 7.21 7.26
C VAL A 18 5.31 7.16 7.28
N ASP A 19 4.92 8.27 7.94
CA ASP A 19 4.50 8.19 9.35
C ASP A 19 3.23 7.31 9.48
N ALA A 20 2.32 7.36 8.49
CA ALA A 20 1.10 6.54 8.50
C ALA A 20 1.46 5.05 8.34
N ILE A 21 2.47 4.75 7.50
CA ILE A 21 2.92 3.37 7.36
C ILE A 21 3.48 2.88 8.70
N ARG A 22 4.32 3.72 9.34
CA ARG A 22 4.90 3.30 10.63
C ARG A 22 3.82 3.00 11.66
N ASP A 23 2.79 3.80 11.70
CA ASP A 23 1.69 3.60 12.65
C ASP A 23 0.89 2.36 12.29
N ALA A 24 0.59 2.16 10.99
CA ALA A 24 -0.14 0.97 10.56
C ALA A 24 0.61 -0.32 10.91
N GLU A 25 1.95 -0.31 10.77
CA GLU A 25 2.74 -1.49 11.06
C GLU A 25 2.94 -1.75 12.56
N LYS A 26 2.34 -0.95 13.43
CA LYS A 26 2.27 -1.26 14.87
C LYS A 26 0.94 -2.01 15.15
N ASN A 27 0.02 -2.10 14.18
CA ASN A 27 -1.27 -2.80 14.34
C ASN A 27 -1.27 -4.17 13.72
N THR A 28 -0.31 -4.44 12.85
CA THR A 28 -0.26 -5.71 12.14
C THR A 28 1.18 -6.12 11.87
N SER A 29 1.41 -7.41 11.62
CA SER A 29 2.70 -7.90 11.16
C SER A 29 2.80 -7.69 9.63
N GLY A 30 1.72 -7.28 8.97
CA GLY A 30 1.77 -6.95 7.56
C GLY A 30 2.66 -5.74 7.30
N GLU A 31 3.19 -5.69 6.09
CA GLU A 31 4.11 -4.63 5.68
C GLU A 31 3.54 -3.88 4.52
N ILE A 32 3.57 -2.55 4.56
CA ILE A 32 2.94 -1.72 3.54
C ILE A 32 3.91 -0.80 2.86
N ARG A 33 3.85 -0.73 1.50
CA ARG A 33 4.57 0.30 0.75
C ARG A 33 3.68 0.93 -0.28
N VAL A 34 4.02 2.16 -0.63
CA VAL A 34 3.39 2.92 -1.69
C VAL A 34 4.41 3.06 -2.82
N HIS A 35 3.92 2.91 -4.06
CA HIS A 35 4.73 3.19 -5.25
C HIS A 35 3.95 4.17 -6.11
N LEU A 36 4.61 5.24 -6.51
CA LEU A 36 4.01 6.24 -7.38
C LEU A 36 4.72 6.26 -8.73
N GLU A 37 3.94 6.36 -9.81
CA GLU A 37 4.51 6.60 -11.13
C GLU A 37 3.49 7.36 -11.96
N LYS A 38 3.93 7.97 -13.06
CA LYS A 38 3.01 8.82 -13.82
C LYS A 38 1.93 8.03 -14.54
N THR A 39 2.35 6.99 -15.31
CA THR A 39 1.45 6.22 -16.15
C THR A 39 1.58 4.73 -15.91
N SER A 40 0.48 4.00 -16.05
CA SER A 40 0.52 2.55 -15.87
C SER A 40 0.48 1.83 -17.21
N GLU A 41 0.33 0.54 -17.15
CA GLU A 41 0.18 -0.33 -18.31
C GLU A 41 -1.30 -0.66 -18.45
N ILE A 42 -1.72 -1.23 -19.57
CA ILE A 42 -3.15 -1.50 -19.75
C ILE A 42 -3.64 -2.46 -18.70
N ASP A 43 -2.87 -3.52 -18.40
CA ASP A 43 -3.22 -4.42 -17.30
C ASP A 43 -2.50 -3.86 -16.04
N VAL A 44 -3.19 -3.02 -15.27
N VAL A 44 -3.20 -3.05 -15.23
CA VAL A 44 -2.60 -2.40 -14.08
CA VAL A 44 -2.60 -2.39 -14.07
C VAL A 44 -2.19 -3.42 -13.02
C VAL A 44 -2.20 -3.40 -13.01
N PHE A 45 -2.93 -4.52 -12.87
CA PHE A 45 -2.60 -5.57 -11.90
C PHE A 45 -1.23 -6.16 -12.22
N ASP A 46 -0.96 -6.51 -13.50
CA ASP A 46 0.32 -7.05 -13.91
C ASP A 46 1.44 -6.03 -13.63
N ARG A 47 1.20 -4.75 -13.88
CA ARG A 47 2.23 -3.77 -13.60
C ARG A 47 2.49 -3.71 -12.09
N ALA A 48 1.44 -3.67 -11.28
CA ALA A 48 1.65 -3.65 -9.82
C ALA A 48 2.40 -4.90 -9.34
N MET A 49 2.12 -6.07 -9.92
CA MET A 49 2.80 -7.32 -9.59
C MET A 49 4.30 -7.21 -9.97
N ASP A 50 4.63 -6.61 -11.13
CA ASP A 50 6.02 -6.41 -11.51
C ASP A 50 6.70 -5.47 -10.52
N VAL A 51 6.04 -4.38 -10.13
CA VAL A 51 6.65 -3.47 -9.17
C VAL A 51 6.85 -4.15 -7.81
N PHE A 52 5.87 -4.89 -7.34
CA PHE A 52 5.98 -5.65 -6.08
C PHE A 52 7.24 -6.53 -6.09
N HIS A 53 7.44 -7.25 -7.19
CA HIS A 53 8.60 -8.10 -7.39
C HIS A 53 9.90 -7.32 -7.43
N ASN A 54 9.90 -6.25 -8.18
N ASN A 54 9.95 -6.21 -8.20
CA ASN A 54 11.11 -5.48 -8.33
CA ASN A 54 11.19 -5.39 -8.26
C ASN A 54 11.52 -4.73 -7.05
C ASN A 54 11.56 -4.88 -6.88
N LEU A 55 10.55 -4.45 -6.13
CA LEU A 55 10.79 -3.91 -4.80
C LEU A 55 11.08 -5.02 -3.79
N LYS A 56 11.13 -6.30 -4.21
CA LYS A 56 11.44 -7.43 -3.33
C LYS A 56 10.49 -7.40 -2.10
N MET A 57 9.21 -7.10 -2.35
CA MET A 57 8.21 -7.05 -1.30
C MET A 57 7.76 -8.43 -0.86
N ASP A 58 8.23 -9.46 -1.55
CA ASP A 58 7.99 -10.85 -1.17
C ASP A 58 8.87 -11.27 0.01
N ASN A 59 9.82 -10.42 0.46
CA ASN A 59 10.75 -10.70 1.55
C ASN A 59 10.12 -10.44 2.93
N THR A 60 8.99 -11.13 3.23
CA THR A 60 8.35 -11.08 4.54
C THR A 60 8.18 -12.54 4.97
N LYS A 61 8.30 -12.82 6.27
CA LYS A 61 8.16 -14.17 6.80
C LYS A 61 6.80 -14.78 6.41
N LEU A 62 5.70 -14.00 6.61
CA LEU A 62 4.33 -14.49 6.37
C LEU A 62 3.75 -14.15 5.01
N GLN A 63 4.58 -13.65 4.06
CA GLN A 63 4.11 -13.34 2.71
C GLN A 63 2.92 -12.41 2.80
N ASN A 64 3.07 -11.37 3.66
CA ASN A 64 2.02 -10.44 3.93
C ASN A 64 2.36 -8.96 3.66
N GLY A 65 3.22 -8.76 2.67
CA GLY A 65 3.46 -7.40 2.17
C GLY A 65 2.33 -7.00 1.25
N VAL A 66 2.01 -5.71 1.22
N VAL A 66 2.11 -5.68 1.20
CA VAL A 66 1.00 -5.18 0.32
CA VAL A 66 1.06 -5.03 0.45
C VAL A 66 1.55 -3.89 -0.26
C VAL A 66 1.59 -3.82 -0.25
N LEU A 67 1.38 -3.74 -1.59
CA LEU A 67 1.76 -2.56 -2.33
C LEU A 67 0.51 -1.78 -2.70
N ILE A 68 0.49 -0.49 -2.39
CA ILE A 68 -0.47 0.47 -2.89
C ILE A 68 0.23 1.15 -4.06
N TYR A 69 -0.15 0.73 -5.25
CA TYR A 69 0.40 1.23 -6.50
C TYR A 69 -0.48 2.34 -7.06
N VAL A 70 0.09 3.48 -7.36
CA VAL A 70 -0.65 4.60 -7.91
C VAL A 70 -0.05 5.10 -9.22
N ALA A 71 -0.94 5.27 -10.22
CA ALA A 71 -0.63 5.90 -11.50
C ALA A 71 -1.19 7.31 -11.35
N VAL A 72 -0.32 8.28 -11.12
CA VAL A 72 -0.72 9.64 -10.72
C VAL A 72 -1.42 10.46 -11.83
N GLU A 73 -1.03 10.30 -13.10
CA GLU A 73 -1.71 11.06 -14.18
C GLU A 73 -3.20 10.70 -14.32
N ASP A 74 -3.53 9.41 -14.10
N ASP A 74 -3.57 9.43 -14.11
CA ASP A 74 -4.89 8.86 -14.20
CA ASP A 74 -4.97 8.98 -14.18
C ASP A 74 -5.63 8.87 -12.83
C ASP A 74 -5.66 8.97 -12.81
N LYS A 75 -4.88 8.96 -11.70
CA LYS A 75 -5.40 8.90 -10.31
C LYS A 75 -6.09 7.53 -10.06
N THR A 76 -5.56 6.48 -10.73
CA THR A 76 -5.99 5.10 -10.63
C THR A 76 -4.96 4.43 -9.75
N PHE A 77 -5.36 3.31 -9.14
CA PHE A 77 -4.49 2.59 -8.22
C PHE A 77 -4.89 1.17 -8.11
N VAL A 78 -3.98 0.38 -7.57
CA VAL A 78 -4.14 -1.03 -7.32
C VAL A 78 -3.61 -1.32 -5.94
N ILE A 79 -4.31 -2.17 -5.21
N ILE A 79 -4.29 -2.21 -5.18
CA ILE A 79 -3.83 -2.70 -3.95
CA ILE A 79 -3.86 -2.68 -3.86
C ILE A 79 -3.47 -4.12 -4.28
C ILE A 79 -3.49 -4.16 -4.03
N TYR A 80 -2.18 -4.44 -4.14
CA TYR A 80 -1.66 -5.76 -4.46
C TYR A 80 -1.06 -6.36 -3.23
N GLY A 81 -1.67 -7.40 -2.72
CA GLY A 81 -1.18 -8.14 -1.57
C GLY A 81 -0.50 -9.42 -1.99
N ASP A 82 0.46 -9.89 -1.18
CA ASP A 82 1.21 -11.11 -1.43
C ASP A 82 0.36 -12.34 -1.11
N LYS A 83 0.88 -13.52 -1.47
CA LYS A 83 0.17 -14.80 -1.35
C LYS A 83 -0.36 -15.11 0.03
N GLY A 84 0.36 -14.74 1.08
CA GLY A 84 -0.06 -15.00 2.45
C GLY A 84 -1.40 -14.36 2.74
N ILE A 85 -1.62 -13.16 2.20
CA ILE A 85 -2.87 -12.47 2.34
C ILE A 85 -3.94 -13.15 1.51
N ASN A 86 -3.67 -13.36 0.23
CA ASN A 86 -4.67 -13.91 -0.66
C ASN A 86 -5.15 -15.32 -0.25
N ASP A 87 -4.28 -16.11 0.41
CA ASP A 87 -4.64 -17.47 0.84
C ASP A 87 -5.69 -17.48 1.95
N VAL A 88 -5.82 -16.39 2.72
CA VAL A 88 -6.73 -16.37 3.89
C VAL A 88 -7.88 -15.38 3.87
N VAL A 89 -7.77 -14.27 3.16
CA VAL A 89 -8.80 -13.24 3.19
C VAL A 89 -9.95 -13.54 2.24
N SER A 90 -11.10 -12.92 2.50
CA SER A 90 -12.26 -13.08 1.65
C SER A 90 -12.19 -12.12 0.46
N ASP A 91 -13.16 -12.24 -0.45
CA ASP A 91 -13.19 -11.49 -1.70
C ASP A 91 -13.37 -9.96 -1.53
N ASP A 92 -13.98 -9.54 -0.42
CA ASP A 92 -14.22 -8.12 -0.12
C ASP A 92 -13.11 -7.49 0.76
N PHE A 93 -12.01 -8.21 1.03
CA PHE A 93 -10.97 -7.78 1.95
C PHE A 93 -10.48 -6.36 1.79
N TRP A 94 -10.17 -5.96 0.55
CA TRP A 94 -9.62 -4.63 0.30
C TRP A 94 -10.65 -3.55 0.04
N ASP A 95 -11.97 -3.85 0.14
CA ASP A 95 -12.95 -2.85 -0.22
C ASP A 95 -12.92 -1.58 0.61
N THR A 96 -12.80 -1.70 1.93
CA THR A 96 -12.75 -0.52 2.78
C THR A 96 -11.50 0.32 2.52
N THR A 97 -10.36 -0.33 2.18
CA THR A 97 -9.11 0.39 1.88
C THR A 97 -9.28 1.17 0.58
N ARG A 98 -9.79 0.48 -0.46
CA ARG A 98 -10.03 1.14 -1.75
C ARG A 98 -10.99 2.29 -1.61
N ASN A 99 -12.07 2.09 -0.86
CA ASN A 99 -13.08 3.14 -0.70
C ASN A 99 -12.50 4.33 0.02
N ALA A 100 -11.64 4.08 1.03
CA ALA A 100 -11.02 5.16 1.79
C ALA A 100 -10.08 5.98 0.92
N ILE A 101 -9.35 5.33 0.00
CA ILE A 101 -8.46 6.06 -0.91
C ILE A 101 -9.27 6.86 -1.95
N GLN A 102 -10.23 6.18 -2.58
CA GLN A 102 -11.04 6.79 -3.63
C GLN A 102 -11.84 7.99 -3.12
N LEU A 103 -12.37 7.89 -1.91
CA LEU A 103 -13.13 9.00 -1.33
C LEU A 103 -12.32 10.26 -1.34
N GLN A 104 -11.02 10.16 -0.99
CA GLN A 104 -10.19 11.34 -0.95
C GLN A 104 -9.66 11.69 -2.33
N PHE A 105 -9.32 10.70 -3.16
CA PHE A 105 -8.81 11.00 -4.51
C PHE A 105 -9.84 11.72 -5.36
N LYS A 106 -11.14 11.38 -5.22
CA LYS A 106 -12.19 12.04 -6.00
C LYS A 106 -12.38 13.50 -5.59
N GLN A 107 -11.90 13.90 -4.40
CA GLN A 107 -11.94 15.27 -3.91
C GLN A 107 -10.62 16.05 -4.11
N GLY A 108 -9.62 15.44 -4.73
CA GLY A 108 -8.32 16.07 -4.94
C GLY A 108 -7.42 16.05 -3.71
N ASN A 109 -7.68 15.13 -2.76
CA ASN A 109 -6.90 15.04 -1.52
C ASN A 109 -6.00 13.84 -1.63
N PHE A 110 -4.94 13.99 -2.43
CA PHE A 110 -4.03 12.90 -2.74
C PHE A 110 -3.31 12.34 -1.51
N LYS A 111 -2.67 13.20 -0.73
CA LYS A 111 -2.02 12.77 0.51
C LYS A 111 -3.01 12.09 1.44
N GLN A 112 -4.17 12.72 1.67
CA GLN A 112 -5.12 12.13 2.60
C GLN A 112 -5.66 10.78 2.16
N GLY A 113 -5.82 10.58 0.87
CA GLY A 113 -6.25 9.29 0.37
C GLY A 113 -5.25 8.20 0.71
N LEU A 114 -3.95 8.52 0.53
CA LEU A 114 -2.95 7.50 0.85
C LEU A 114 -2.89 7.27 2.35
N VAL A 115 -2.93 8.32 3.16
CA VAL A 115 -2.89 8.13 4.62
C VAL A 115 -4.08 7.31 5.08
N ASP A 116 -5.27 7.66 4.59
CA ASP A 116 -6.49 6.94 4.99
C ASP A 116 -6.50 5.49 4.54
N GLY A 117 -5.99 5.23 3.34
CA GLY A 117 -5.89 3.87 2.85
C GLY A 117 -4.90 3.07 3.66
N ILE A 118 -3.75 3.67 4.01
CA ILE A 118 -2.74 2.97 4.81
C ILE A 118 -3.34 2.60 6.16
N GLU A 119 -4.03 3.54 6.80
CA GLU A 119 -4.63 3.26 8.09
C GLU A 119 -5.66 2.11 8.00
N LYS A 120 -6.50 2.15 6.99
CA LYS A 120 -7.50 1.11 6.78
C LYS A 120 -6.85 -0.24 6.50
N ALA A 121 -5.78 -0.24 5.68
CA ALA A 121 -5.07 -1.46 5.37
C ALA A 121 -4.44 -2.09 6.62
N GLY A 122 -3.84 -1.29 7.52
CA GLY A 122 -3.27 -1.84 8.74
C GLY A 122 -4.31 -2.52 9.61
N MET A 123 -5.49 -1.91 9.69
CA MET A 123 -6.63 -2.44 10.48
C MET A 123 -7.18 -3.71 9.82
N ALA A 124 -7.25 -3.74 8.48
CA ALA A 124 -7.71 -4.95 7.78
C ALA A 124 -6.73 -6.08 7.95
N LEU A 125 -5.45 -5.81 7.76
CA LEU A 125 -4.41 -6.82 7.91
C LEU A 125 -4.34 -7.33 9.34
N ALA A 126 -4.61 -6.46 10.32
CA ALA A 126 -4.56 -6.84 11.74
C ALA A 126 -5.52 -7.99 12.05
N LYS A 127 -6.60 -8.11 11.30
CA LYS A 127 -7.58 -9.16 11.50
C LYS A 127 -6.98 -10.52 11.32
N TYR A 128 -6.12 -10.66 10.29
CA TYR A 128 -5.48 -11.92 9.96
C TYR A 128 -4.03 -12.05 10.37
N PHE A 129 -3.35 -10.94 10.63
CA PHE A 129 -1.91 -10.89 10.88
C PHE A 129 -1.65 -9.96 12.05
N PRO A 130 -1.95 -10.43 13.27
CA PRO A 130 -1.74 -9.55 14.42
C PRO A 130 -0.28 -9.18 14.67
N TRP A 131 -0.07 -7.96 15.14
CA TRP A 131 1.26 -7.48 15.50
C TRP A 131 1.77 -8.31 16.70
N LYS A 132 3.05 -8.65 16.67
CA LYS A 132 3.72 -9.42 17.71
C LYS A 132 4.84 -8.58 18.30
N LYS A 133 5.14 -8.78 19.58
CA LYS A 133 6.18 -8.02 20.31
C LYS A 133 7.56 -7.91 19.65
N ASP A 134 8.01 -8.98 19.02
CA ASP A 134 9.31 -9.04 18.36
C ASP A 134 9.17 -8.75 16.84
N ASP A 135 8.16 -7.93 16.47
CA ASP A 135 7.96 -7.57 15.07
C ASP A 135 9.24 -7.03 14.48
N ILE A 136 9.51 -7.40 13.24
CA ILE A 136 10.64 -6.92 12.46
C ILE A 136 10.05 -5.94 11.42
N ASP A 137 10.73 -4.82 11.14
CA ASP A 137 10.29 -3.90 10.07
C ASP A 137 10.96 -4.49 8.81
N GLU A 138 10.25 -5.42 8.17
CA GLU A 138 10.78 -6.24 7.08
C GLU A 138 11.01 -5.53 5.77
N LEU A 139 10.16 -4.57 5.44
CA LEU A 139 10.26 -3.81 4.21
C LEU A 139 10.42 -2.35 4.54
N PRO A 140 11.23 -1.58 3.77
CA PRO A 140 11.31 -0.15 4.01
C PRO A 140 9.99 0.57 3.84
N ASN A 141 9.81 1.66 4.59
CA ASN A 141 8.56 2.43 4.55
C ASN A 141 8.65 3.56 3.53
N THR A 142 9.80 3.70 2.88
CA THR A 142 10.06 4.70 1.82
C THR A 142 9.02 4.60 0.74
N ILE A 143 8.61 5.75 0.18
CA ILE A 143 7.72 5.74 -0.98
C ILE A 143 8.61 5.44 -2.19
N SER A 144 8.27 4.42 -2.94
CA SER A 144 9.01 4.05 -4.12
C SER A 144 8.50 4.92 -5.26
N LYS A 145 9.43 5.51 -6.01
CA LYS A 145 9.07 6.34 -7.16
C LYS A 145 9.65 5.77 -8.45
N GLY A 146 8.78 5.66 -9.47
CA GLY A 146 9.14 5.16 -10.81
C GLY A 146 8.60 6.09 -11.89
CA CA B . 7.79 -1.58 6.75
CA CA C . 6.73 -5.51 10.78
#